data_4OLO
#
_entry.id   4OLO
#
_cell.length_a   130.100
_cell.length_b   130.100
_cell.length_c   130.100
_cell.angle_alpha   90.000
_cell.angle_beta   90.000
_cell.angle_gamma   90.000
#
_symmetry.space_group_name_H-M   'P 21 3'
#
loop_
_entity.id
_entity.type
_entity.pdbx_description
1 polymer 'BMC domain protein'
2 water water
#
_entity_poly.entity_id   1
_entity_poly.type   'polypeptide(L)'
_entity_poly.pdbx_seq_one_letter_code
;MEYRIIKSPTQGTIDILCRRKGSGPSKPIGQADAIGLIQGRMIEMVCAADVAEKAVGVTVEDIRGSCPQNMILLAIFGDT
ASVEAAMDEIRKKETEAGEGWLEHHHHHH
;
_entity_poly.pdbx_strand_id   A,B,C,D
#
# COMPACT_ATOMS: atom_id res chain seq x y z
N MET A 1 -5.97 -2.03 -3.73
CA MET A 1 -6.71 -1.73 -4.95
C MET A 1 -5.96 -2.21 -6.20
N GLU A 2 -6.71 -2.72 -7.19
CA GLU A 2 -6.15 -3.13 -8.47
C GLU A 2 -6.41 -2.06 -9.50
N TYR A 3 -5.42 -1.77 -10.35
CA TYR A 3 -5.51 -0.73 -11.36
C TYR A 3 -5.16 -1.32 -12.71
N ARG A 4 -5.98 -1.05 -13.72
CA ARG A 4 -5.72 -1.50 -15.08
C ARG A 4 -6.20 -0.47 -16.05
N ILE A 5 -5.62 -0.45 -17.23
CA ILE A 5 -6.02 0.44 -18.31
C ILE A 5 -6.21 -0.39 -19.60
N ILE A 6 -7.29 -0.12 -20.34
CA ILE A 6 -7.58 -0.72 -21.62
C ILE A 6 -7.50 0.41 -22.65
N LYS A 7 -6.55 0.31 -23.57
CA LYS A 7 -6.36 1.30 -24.64
C LYS A 7 -7.12 0.87 -25.89
N SER A 8 -7.86 1.80 -26.49
CA SER A 8 -8.69 1.59 -27.69
C SER A 8 -9.68 0.42 -27.47
N PRO A 9 -10.56 0.51 -26.46
CA PRO A 9 -11.47 -0.63 -26.20
C PRO A 9 -12.43 -0.91 -27.34
N THR A 10 -12.81 -2.18 -27.52
CA THR A 10 -13.79 -2.55 -28.54
C THR A 10 -15.19 -2.21 -27.98
N GLN A 11 -16.21 -2.21 -28.85
CA GLN A 11 -17.59 -1.99 -28.44
C GLN A 11 -18.03 -3.11 -27.47
N GLY A 12 -17.62 -4.36 -27.77
CA GLY A 12 -17.89 -5.56 -26.97
C GLY A 12 -17.42 -5.43 -25.54
N THR A 13 -16.21 -4.84 -25.35
CA THR A 13 -15.61 -4.58 -24.04
C THR A 13 -16.47 -3.57 -23.32
N ILE A 14 -16.87 -2.49 -24.02
CA ILE A 14 -17.72 -1.46 -23.46
C ILE A 14 -19.08 -2.07 -23.08
N ASP A 15 -19.64 -2.96 -23.92
CA ASP A 15 -20.89 -3.66 -23.66
C ASP A 15 -20.83 -4.49 -22.36
N ILE A 16 -19.70 -5.21 -22.12
CA ILE A 16 -19.49 -6.03 -20.91
C ILE A 16 -19.56 -5.11 -19.68
N LEU A 17 -18.89 -3.96 -19.74
CA LEU A 17 -18.88 -2.96 -18.68
C LEU A 17 -20.25 -2.29 -18.46
N CYS A 18 -20.90 -1.82 -19.53
CA CYS A 18 -22.16 -1.10 -19.45
C CYS A 18 -23.42 -1.96 -19.65
N ASP A 33 -11.25 6.70 -25.95
CA ASP A 33 -10.15 5.90 -26.45
C ASP A 33 -9.27 5.15 -25.42
N ALA A 34 -9.63 5.24 -24.13
CA ALA A 34 -8.98 4.55 -23.02
C ALA A 34 -9.98 4.39 -21.87
N ILE A 35 -9.98 3.20 -21.22
CA ILE A 35 -10.79 2.89 -20.03
C ILE A 35 -9.82 2.52 -18.91
N GLY A 36 -9.86 3.27 -17.82
CA GLY A 36 -9.08 3.00 -16.62
C GLY A 36 -9.99 2.26 -15.70
N LEU A 37 -9.53 1.12 -15.18
CA LEU A 37 -10.33 0.29 -14.27
C LEU A 37 -9.70 0.23 -12.91
N ILE A 38 -10.52 0.37 -11.86
CA ILE A 38 -10.06 0.30 -10.47
C ILE A 38 -11.01 -0.58 -9.70
N GLN A 39 -10.47 -1.61 -9.05
CA GLN A 39 -11.23 -2.55 -8.24
C GLN A 39 -10.67 -2.53 -6.83
N GLY A 40 -11.58 -2.49 -5.85
CA GLY A 40 -11.25 -2.49 -4.44
C GLY A 40 -12.50 -2.63 -3.60
N ARG A 41 -12.35 -2.38 -2.29
CA ARG A 41 -13.46 -2.41 -1.34
C ARG A 41 -14.34 -1.19 -1.63
N MET A 42 -15.64 -1.29 -1.35
CA MET A 42 -16.55 -0.20 -1.66
C MET A 42 -16.14 1.17 -1.15
N ILE A 43 -15.73 1.25 0.13
CA ILE A 43 -15.28 2.50 0.77
C ILE A 43 -14.15 3.16 -0.06
N GLU A 44 -13.17 2.37 -0.50
CA GLU A 44 -12.01 2.79 -1.30
C GLU A 44 -12.47 3.29 -2.66
N MET A 45 -13.42 2.55 -3.28
CA MET A 45 -13.97 2.85 -4.62
CA MET A 45 -13.95 2.91 -4.58
C MET A 45 -14.80 4.16 -4.63
N VAL A 46 -15.58 4.44 -3.54
CA VAL A 46 -16.40 5.65 -3.44
C VAL A 46 -15.43 6.85 -3.34
N CYS A 47 -14.33 6.71 -2.58
CA CYS A 47 -13.29 7.73 -2.44
C CYS A 47 -12.60 7.99 -3.78
N ALA A 48 -12.22 6.92 -4.52
CA ALA A 48 -11.60 6.94 -5.84
C ALA A 48 -12.54 7.62 -6.86
N ALA A 49 -13.86 7.30 -6.81
CA ALA A 49 -14.88 7.86 -7.68
C ALA A 49 -14.91 9.38 -7.54
N ASP A 50 -14.73 9.89 -6.30
CA ASP A 50 -14.71 11.34 -6.06
C ASP A 50 -13.51 12.01 -6.72
N VAL A 51 -12.32 11.39 -6.65
CA VAL A 51 -11.09 11.92 -7.26
C VAL A 51 -11.29 11.95 -8.78
N ALA A 52 -11.82 10.86 -9.34
CA ALA A 52 -12.09 10.72 -10.77
C ALA A 52 -13.12 11.74 -11.26
N GLU A 53 -14.18 12.03 -10.47
CA GLU A 53 -15.20 13.03 -10.84
C GLU A 53 -14.62 14.44 -10.86
N LYS A 54 -13.59 14.69 -10.04
CA LYS A 54 -12.91 15.98 -9.94
C LYS A 54 -11.78 16.11 -10.99
N ALA A 55 -11.44 14.99 -11.68
CA ALA A 55 -10.40 14.96 -12.72
C ALA A 55 -10.92 15.42 -14.08
N VAL A 56 -10.12 16.26 -14.77
CA VAL A 56 -10.39 16.78 -16.11
C VAL A 56 -10.33 15.67 -17.17
N GLY A 57 -11.21 15.78 -18.17
CA GLY A 57 -11.27 14.92 -19.35
C GLY A 57 -11.76 13.50 -19.18
N VAL A 58 -12.26 13.15 -17.98
CA VAL A 58 -12.75 11.80 -17.72
C VAL A 58 -14.23 11.75 -17.32
N THR A 59 -14.89 10.64 -17.67
CA THR A 59 -16.25 10.25 -17.33
C THR A 59 -16.08 9.04 -16.42
N VAL A 60 -16.85 9.01 -15.33
CA VAL A 60 -16.80 8.00 -14.28
C VAL A 60 -18.05 7.12 -14.34
N GLU A 61 -17.85 5.81 -14.23
CA GLU A 61 -18.94 4.84 -14.20
C GLU A 61 -18.73 3.82 -13.10
N ASP A 62 -19.72 3.67 -12.20
CA ASP A 62 -19.69 2.67 -11.13
C ASP A 62 -20.32 1.43 -11.73
N ILE A 63 -19.53 0.36 -11.82
CA ILE A 63 -20.00 -0.89 -12.43
C ILE A 63 -20.65 -1.71 -11.32
N ARG A 64 -21.98 -1.91 -11.42
CA ARG A 64 -22.78 -2.62 -10.42
C ARG A 64 -23.23 -3.99 -10.92
N ASN A 70 -25.10 -2.83 -5.68
CA ASN A 70 -23.83 -3.38 -5.23
C ASN A 70 -22.70 -3.10 -6.24
N MET A 71 -21.92 -2.03 -5.97
N MET A 71 -15.00 -5.64 -4.90
CA MET A 71 -20.81 -1.57 -6.82
CA MET A 71 -16.20 -5.22 -4.17
C MET A 71 -19.60 -2.54 -6.76
C MET A 71 -16.95 -4.13 -4.94
N ILE A 72 -19.23 -3.09 -7.95
N ILE A 72 -16.20 -3.23 -5.60
CA ILE A 72 -18.15 -4.08 -8.16
CA ILE A 72 -16.69 -2.21 -6.54
C ILE A 72 -16.83 -3.44 -8.61
C ILE A 72 -15.71 -2.00 -7.69
N LEU A 73 -16.89 -2.49 -9.56
N LEU A 73 -16.21 -2.14 -8.92
CA LEU A 73 -15.71 -1.91 -10.21
CA LEU A 73 -15.46 -1.92 -10.15
C LEU A 73 -15.94 -0.43 -10.57
C LEU A 73 -15.84 -0.52 -10.61
N LEU A 74 -14.84 0.33 -10.70
CA LEU A 74 -14.93 1.72 -11.12
C LEU A 74 -14.27 1.84 -12.49
N ALA A 75 -15.02 2.36 -13.46
CA ALA A 75 -14.52 2.55 -14.84
C ALA A 75 -14.43 4.06 -15.13
N ILE A 76 -13.31 4.48 -15.72
CA ILE A 76 -12.94 5.87 -16.03
C ILE A 76 -12.68 5.96 -17.52
N PHE A 77 -13.49 6.74 -18.22
CA PHE A 77 -13.44 6.85 -19.67
C PHE A 77 -12.90 8.20 -20.10
N GLY A 78 -12.10 8.20 -21.16
CA GLY A 78 -11.56 9.40 -21.76
C GLY A 78 -10.36 9.13 -22.63
N ASP A 79 -9.64 10.19 -22.98
CA ASP A 79 -8.40 10.08 -23.76
C ASP A 79 -7.37 9.49 -22.81
N THR A 80 -6.37 8.78 -23.34
CA THR A 80 -5.30 8.14 -22.58
C THR A 80 -4.65 9.05 -21.53
N ALA A 81 -4.23 10.26 -21.94
CA ALA A 81 -3.56 11.23 -21.07
C ALA A 81 -4.39 11.56 -19.83
N SER A 82 -5.70 11.85 -20.02
CA SER A 82 -6.64 12.20 -18.95
C SER A 82 -6.90 11.03 -18.05
N VAL A 83 -7.06 9.81 -18.64
CA VAL A 83 -7.31 8.57 -17.89
C VAL A 83 -6.08 8.26 -17.01
N GLU A 84 -4.87 8.30 -17.60
CA GLU A 84 -3.62 8.06 -16.87
C GLU A 84 -3.41 9.08 -15.74
N ALA A 85 -3.71 10.36 -15.97
CA ALA A 85 -3.62 11.42 -14.96
C ALA A 85 -4.62 11.19 -13.80
N ALA A 86 -5.87 10.78 -14.12
CA ALA A 86 -6.88 10.50 -13.11
C ALA A 86 -6.48 9.27 -12.26
N MET A 87 -5.93 8.21 -12.91
CA MET A 87 -5.46 6.98 -12.26
C MET A 87 -4.34 7.35 -11.28
N ASP A 88 -3.37 8.19 -11.71
CA ASP A 88 -2.24 8.65 -10.90
C ASP A 88 -2.73 9.37 -9.66
N GLU A 89 -3.73 10.25 -9.78
CA GLU A 89 -4.27 11.00 -8.63
C GLU A 89 -4.99 10.12 -7.65
N ILE A 90 -5.72 9.10 -8.16
CA ILE A 90 -6.43 8.13 -7.31
C ILE A 90 -5.41 7.34 -6.48
N ARG A 91 -4.36 6.83 -7.14
CA ARG A 91 -3.29 6.04 -6.54
C ARG A 91 -2.50 6.87 -5.51
N LYS A 92 -2.19 8.13 -5.84
CA LYS A 92 -1.48 9.08 -4.96
C LYS A 92 -2.31 9.34 -3.70
N LYS A 93 -3.62 9.61 -3.85
CA LYS A 93 -4.51 9.88 -2.73
C LYS A 93 -4.70 8.66 -1.84
N GLU A 94 -4.64 7.46 -2.43
CA GLU A 94 -4.77 6.23 -1.68
C GLU A 94 -3.49 5.94 -0.87
N THR A 95 -2.31 6.22 -1.44
CA THR A 95 -1.01 5.94 -0.80
C THR A 95 -0.28 7.21 -0.32
N GLU A 96 -0.59 7.68 0.93
CA GLU A 96 0.01 8.89 1.52
C GLU A 96 0.28 8.76 3.03
N TRP A 101 1.76 10.97 9.85
CA TRP A 101 1.40 9.59 9.46
C TRP A 101 1.86 8.53 10.49
N LEU A 102 2.94 8.79 11.27
CA LEU A 102 3.43 7.85 12.28
C LEU A 102 2.63 7.99 13.58
N MET B 1 -12.95 -1.78 11.84
CA MET B 1 -13.72 -1.04 10.82
C MET B 1 -12.80 -0.17 9.97
N GLU B 2 -13.23 0.21 8.76
CA GLU B 2 -12.53 1.16 7.90
C GLU B 2 -13.25 2.50 7.98
N TYR B 3 -12.50 3.59 8.05
CA TYR B 3 -13.03 4.96 8.16
C TYR B 3 -12.44 5.83 7.10
N ARG B 4 -13.27 6.59 6.40
CA ARG B 4 -12.81 7.54 5.38
C ARG B 4 -13.70 8.75 5.41
N ILE B 5 -13.18 9.88 4.98
CA ILE B 5 -13.96 11.10 4.84
C ILE B 5 -13.75 11.66 3.41
N ILE B 6 -14.82 12.12 2.76
CA ILE B 6 -14.74 12.77 1.46
C ILE B 6 -15.16 14.22 1.69
N LYS B 7 -14.24 15.17 1.47
CA LYS B 7 -14.48 16.61 1.62
C LYS B 7 -14.89 17.21 0.29
N SER B 8 -15.96 18.01 0.31
CA SER B 8 -16.58 18.67 -0.86
C SER B 8 -16.92 17.63 -1.93
N PRO B 9 -17.79 16.65 -1.62
CA PRO B 9 -18.08 15.59 -2.62
C PRO B 9 -18.79 16.14 -3.85
N THR B 10 -18.55 15.53 -5.02
CA THR B 10 -19.23 15.92 -6.24
C THR B 10 -20.64 15.32 -6.21
N GLN B 11 -21.54 15.78 -7.08
CA GLN B 11 -22.89 15.23 -7.20
C GLN B 11 -22.82 13.74 -7.62
N GLY B 12 -21.89 13.42 -8.53
CA GLY B 12 -21.63 12.05 -9.00
C GLY B 12 -21.30 11.09 -7.89
N THR B 13 -20.49 11.55 -6.90
CA THR B 13 -20.09 10.77 -5.72
C THR B 13 -21.33 10.49 -4.88
N ILE B 14 -22.15 11.53 -4.64
CA ILE B 14 -23.42 11.42 -3.90
C ILE B 14 -24.37 10.44 -4.66
N ASP B 15 -24.42 10.53 -6.00
CA ASP B 15 -25.24 9.66 -6.83
C ASP B 15 -24.86 8.18 -6.68
N ILE B 16 -23.53 7.87 -6.64
CA ILE B 16 -23.00 6.52 -6.43
C ILE B 16 -23.51 5.99 -5.09
N LEU B 17 -23.42 6.84 -4.05
CA LEU B 17 -23.86 6.49 -2.71
C LEU B 17 -25.34 6.28 -2.61
N CYS B 18 -26.12 7.25 -3.07
CA CYS B 18 -27.57 7.25 -2.99
C CYS B 18 -28.32 6.55 -4.13
N ARG B 19 -27.66 5.58 -4.80
CA ARG B 19 -28.28 4.80 -5.86
C ARG B 19 -28.68 3.43 -5.36
N ALA B 32 -24.31 18.21 1.16
CA ALA B 32 -23.25 17.90 2.12
C ALA B 32 -21.90 18.50 1.77
N ASP B 33 -21.31 19.16 2.77
CA ASP B 33 -19.99 19.79 2.79
C ASP B 33 -18.96 18.63 2.89
N ALA B 34 -19.29 17.57 3.66
CA ALA B 34 -18.45 16.40 3.84
C ALA B 34 -19.27 15.11 3.94
N ILE B 35 -18.63 13.97 3.64
CA ILE B 35 -19.22 12.63 3.73
C ILE B 35 -18.24 11.80 4.50
N GLY B 36 -18.68 11.29 5.65
CA GLY B 36 -17.94 10.34 6.48
C GLY B 36 -18.38 8.94 6.11
N LEU B 37 -17.43 8.05 5.82
CA LEU B 37 -17.75 6.67 5.41
C LEU B 37 -17.17 5.67 6.40
N ILE B 38 -17.98 4.68 6.80
CA ILE B 38 -17.55 3.64 7.74
C ILE B 38 -18.02 2.31 7.19
N GLN B 39 -17.06 1.37 7.04
CA GLN B 39 -17.34 0.03 6.54
C GLN B 39 -16.87 -0.97 7.58
N GLY B 40 -17.72 -1.95 7.85
CA GLY B 40 -17.43 -3.02 8.79
C GLY B 40 -18.47 -4.11 8.72
N ARG B 41 -18.48 -5.00 9.73
CA ARG B 41 -19.47 -6.04 9.87
C ARG B 41 -20.78 -5.36 10.25
N MET B 42 -21.92 -5.97 9.85
CA MET B 42 -23.20 -5.34 10.13
C MET B 42 -23.45 -4.93 11.57
N ILE B 43 -23.12 -5.81 12.53
CA ILE B 43 -23.30 -5.55 13.96
C ILE B 43 -22.56 -4.26 14.38
N GLU B 44 -21.31 -4.08 13.91
CA GLU B 44 -20.47 -2.92 14.17
C GLU B 44 -21.09 -1.65 13.56
N MET B 45 -21.58 -1.75 12.30
N MET B 45 -21.63 -1.77 12.34
CA MET B 45 -22.22 -0.67 11.54
CA MET B 45 -22.24 -0.68 11.61
C MET B 45 -23.53 -0.18 12.18
C MET B 45 -23.56 -0.20 12.17
N VAL B 46 -24.37 -1.12 12.72
CA VAL B 46 -25.65 -0.78 13.38
C VAL B 46 -25.33 0.01 14.66
N CYS B 47 -24.26 -0.38 15.38
CA CYS B 47 -23.81 0.31 16.58
C CYS B 47 -23.32 1.71 16.26
N ALA B 48 -22.50 1.82 15.19
CA ALA B 48 -21.94 3.07 14.67
C ALA B 48 -23.08 4.02 14.23
N ALA B 49 -24.10 3.46 13.53
CA ALA B 49 -25.29 4.20 13.04
C ALA B 49 -25.97 4.87 14.19
N ASP B 50 -26.06 4.19 15.37
CA ASP B 50 -26.69 4.77 16.56
C ASP B 50 -25.95 5.99 17.10
N VAL B 51 -24.60 5.93 17.12
CA VAL B 51 -23.75 7.04 17.57
C VAL B 51 -23.93 8.22 16.63
N ALA B 52 -23.90 7.96 15.32
CA ALA B 52 -24.09 8.95 14.27
C ALA B 52 -25.49 9.61 14.33
N GLU B 53 -26.55 8.82 14.62
CA GLU B 53 -27.92 9.36 14.75
C GLU B 53 -28.05 10.31 15.95
N LYS B 54 -27.24 10.08 16.99
CA LYS B 54 -27.22 10.88 18.21
C LYS B 54 -26.25 12.08 18.08
N ALA B 55 -25.47 12.14 16.98
CA ALA B 55 -24.54 13.25 16.72
C ALA B 55 -25.25 14.45 16.05
N VAL B 56 -24.94 15.66 16.53
CA VAL B 56 -25.44 16.93 16.00
C VAL B 56 -24.79 17.23 14.61
N GLY B 57 -25.58 17.81 13.74
CA GLY B 57 -25.13 18.28 12.43
C GLY B 57 -24.97 17.29 11.33
N VAL B 58 -25.27 16.01 11.60
CA VAL B 58 -25.14 14.95 10.61
C VAL B 58 -26.45 14.23 10.28
N THR B 59 -26.50 13.73 9.03
CA THR B 59 -27.51 12.84 8.48
C THR B 59 -26.82 11.50 8.23
N VAL B 60 -27.48 10.42 8.59
CA VAL B 60 -26.99 9.06 8.49
C VAL B 60 -27.74 8.30 7.38
N GLU B 61 -26.99 7.59 6.53
CA GLU B 61 -27.52 6.71 5.49
C GLU B 61 -26.86 5.35 5.53
N ASP B 62 -27.68 4.29 5.52
CA ASP B 62 -27.20 2.91 5.44
C ASP B 62 -27.15 2.58 3.96
N ILE B 63 -25.98 2.32 3.46
CA ILE B 63 -25.79 2.02 2.03
C ILE B 63 -26.03 0.51 1.82
N ARG B 64 -27.09 0.18 1.06
CA ARG B 64 -27.50 -1.21 0.79
C ARG B 64 -27.31 -1.59 -0.66
N MET B 71 -26.94 -4.25 4.13
CA MET B 71 -26.17 -3.05 4.45
C MET B 71 -24.67 -3.30 4.24
N ILE B 72 -24.05 -2.51 3.35
CA ILE B 72 -22.63 -2.63 3.00
C ILE B 72 -21.76 -1.57 3.73
N LEU B 73 -22.27 -0.34 3.81
CA LEU B 73 -21.52 0.81 4.25
C LEU B 73 -22.44 1.79 4.97
N LEU B 74 -21.86 2.60 5.84
CA LEU B 74 -22.55 3.64 6.58
C LEU B 74 -21.98 5.00 6.11
N ALA B 75 -22.87 5.89 5.62
CA ALA B 75 -22.51 7.22 5.13
C ALA B 75 -23.13 8.27 6.06
N ILE B 76 -22.30 9.25 6.47
CA ILE B 76 -22.62 10.34 7.39
C ILE B 76 -22.43 11.65 6.58
N PHE B 77 -23.45 12.46 6.48
CA PHE B 77 -23.42 13.70 5.71
C PHE B 77 -23.59 14.94 6.61
N GLY B 78 -22.87 16.00 6.29
CA GLY B 78 -22.95 17.28 6.98
C GLY B 78 -21.74 18.15 6.74
N ASP B 79 -21.56 19.17 7.60
CA ASP B 79 -20.39 20.05 7.51
C ASP B 79 -19.23 19.25 8.04
N THR B 80 -17.99 19.56 7.59
CA THR B 80 -16.76 18.87 7.98
C THR B 80 -16.63 18.67 9.49
N ALA B 81 -16.79 19.74 10.27
CA ALA B 81 -16.63 19.73 11.72
C ALA B 81 -17.54 18.70 12.39
N SER B 82 -18.83 18.66 12.00
CA SER B 82 -19.85 17.73 12.52
C SER B 82 -19.56 16.31 12.11
N VAL B 83 -19.16 16.12 10.83
CA VAL B 83 -18.82 14.80 10.29
C VAL B 83 -17.57 14.23 11.04
N GLU B 84 -16.51 15.05 11.18
CA GLU B 84 -15.29 14.65 11.89
C GLU B 84 -15.57 14.32 13.36
N ALA B 85 -16.41 15.12 14.02
CA ALA B 85 -16.79 14.90 15.43
C ALA B 85 -17.56 13.59 15.58
N ALA B 86 -18.51 13.28 14.64
CA ALA B 86 -19.30 12.06 14.67
C ALA B 86 -18.39 10.84 14.43
N MET B 87 -17.44 10.93 13.46
CA MET B 87 -16.46 9.87 13.14
C MET B 87 -15.61 9.56 14.38
N ASP B 88 -15.09 10.61 15.07
CA ASP B 88 -14.28 10.48 16.29
C ASP B 88 -15.07 9.74 17.39
N GLU B 89 -16.34 10.11 17.57
CA GLU B 89 -17.22 9.48 18.56
C GLU B 89 -17.44 8.01 18.30
N ILE B 90 -17.68 7.65 17.02
CA ILE B 90 -17.90 6.27 16.56
C ILE B 90 -16.65 5.43 16.85
N ARG B 91 -15.46 5.95 16.50
CA ARG B 91 -14.18 5.31 16.68
C ARG B 91 -13.89 5.11 18.18
N LYS B 92 -14.15 6.13 19.02
CA LYS B 92 -13.97 6.09 20.46
C LYS B 92 -14.86 5.02 21.11
N LYS B 93 -16.14 4.95 20.71
CA LYS B 93 -17.07 3.96 21.24
C LYS B 93 -16.71 2.55 20.77
N GLU B 94 -16.13 2.43 19.57
CA GLU B 94 -15.71 1.15 19.01
C GLU B 94 -14.58 0.49 19.78
N THR B 95 -13.58 1.28 20.22
CA THR B 95 -12.44 0.76 20.99
C THR B 95 -12.87 0.10 22.31
N GLU B 96 -13.95 0.64 22.96
CA GLU B 96 -14.61 0.12 24.16
C GLU B 96 -13.66 -0.43 25.27
N ALA B 97 -12.62 0.36 25.62
CA ALA B 97 -11.67 -0.06 26.65
C ALA B 97 -12.22 0.35 28.03
N GLY B 98 -13.31 -0.33 28.41
CA GLY B 98 -14.01 -0.08 29.67
C GLY B 98 -13.33 -0.65 30.90
N GLU B 99 -13.94 -0.42 32.07
CA GLU B 99 -13.42 -0.92 33.35
C GLU B 99 -13.67 -2.42 33.48
N GLY B 100 -12.63 -3.15 33.87
CA GLY B 100 -12.64 -4.61 33.99
C GLY B 100 -12.39 -5.37 32.70
N TRP B 101 -11.90 -4.67 31.64
CA TRP B 101 -11.58 -5.19 30.29
C TRP B 101 -10.66 -6.42 30.23
N LEU B 102 -9.81 -6.64 31.26
CA LEU B 102 -8.91 -7.80 31.32
C LEU B 102 -9.65 -9.05 31.80
N MET C 1 4.23 -3.41 5.07
CA MET C 1 5.08 -3.26 6.25
C MET C 1 4.56 -2.32 7.33
N GLU C 2 4.94 -2.58 8.61
CA GLU C 2 4.53 -1.84 9.81
C GLU C 2 5.59 -0.84 10.20
N TYR C 3 5.16 0.36 10.58
CA TYR C 3 6.06 1.45 10.99
C TYR C 3 5.68 1.97 12.35
N ARG C 4 6.65 2.08 13.24
CA ARG C 4 6.41 2.63 14.58
C ARG C 4 7.60 3.47 15.00
N ILE C 5 7.36 4.44 15.87
CA ILE C 5 8.42 5.26 16.44
C ILE C 5 8.30 5.24 17.97
N ILE C 6 9.43 5.11 18.68
CA ILE C 6 9.50 5.16 20.14
C ILE C 6 10.31 6.41 20.48
N LYS C 7 9.66 7.38 21.14
CA LYS C 7 10.33 8.63 21.55
C LYS C 7 10.83 8.50 22.97
N SER C 8 12.08 8.93 23.20
CA SER C 8 12.79 8.87 24.49
C SER C 8 12.80 7.45 25.02
N PRO C 9 13.37 6.47 24.29
CA PRO C 9 13.31 5.08 24.79
C PRO C 9 14.08 4.87 26.08
N THR C 10 13.61 3.93 26.93
CA THR C 10 14.32 3.62 28.16
C THR C 10 15.49 2.70 27.81
N GLN C 11 16.44 2.52 28.73
CA GLN C 11 17.58 1.62 28.54
C GLN C 11 17.07 0.18 28.34
N GLY C 12 16.04 -0.21 29.09
CA GLY C 12 15.39 -1.52 29.01
C GLY C 12 14.85 -1.82 27.63
N THR C 13 14.23 -0.83 26.98
CA THR C 13 13.70 -0.93 25.60
C THR C 13 14.86 -1.16 24.64
N ILE C 14 15.96 -0.39 24.80
CA ILE C 14 17.18 -0.54 24.01
C ILE C 14 17.82 -1.92 24.25
N ASP C 15 17.76 -2.44 25.50
CA ASP C 15 18.27 -3.75 25.86
C ASP C 15 17.50 -4.88 25.16
N ILE C 16 16.15 -4.76 25.08
CA ILE C 16 15.28 -5.73 24.41
C ILE C 16 15.67 -5.84 22.93
N LEU C 17 15.85 -4.70 22.26
CA LEU C 17 16.22 -4.61 20.84
C LEU C 17 17.65 -5.09 20.55
N CYS C 18 18.60 -4.70 21.40
CA CYS C 18 20.00 -5.05 21.21
C CYS C 18 20.46 -6.31 21.97
N ARG C 19 19.50 -7.16 22.44
CA ARG C 19 19.73 -8.43 23.15
C ARG C 19 20.36 -9.48 22.24
N ASP C 33 17.56 8.94 21.48
CA ASP C 33 16.54 10.00 21.48
C ASP C 33 15.21 9.52 20.90
N ALA C 34 15.29 8.76 19.78
CA ALA C 34 14.14 8.15 19.11
C ALA C 34 14.56 6.85 18.47
N ILE C 35 13.62 5.88 18.41
CA ILE C 35 13.84 4.63 17.73
C ILE C 35 12.68 4.47 16.78
N GLY C 36 13.02 4.40 15.49
CA GLY C 36 12.07 4.12 14.44
C GLY C 36 12.13 2.63 14.22
N LEU C 37 10.99 1.98 14.13
CA LEU C 37 10.93 0.54 13.93
C LEU C 37 10.14 0.22 12.66
N ILE C 38 10.66 -0.71 11.85
CA ILE C 38 10.02 -1.15 10.62
C ILE C 38 10.06 -2.67 10.57
N GLN C 39 8.89 -3.27 10.40
CA GLN C 39 8.74 -4.72 10.33
C GLN C 39 8.09 -5.05 9.01
N GLY C 40 8.64 -6.06 8.34
CA GLY C 40 8.12 -6.52 7.06
C GLY C 40 8.80 -7.79 6.63
N ARG C 41 8.60 -8.16 5.36
CA ARG C 41 9.24 -9.31 4.76
C ARG C 41 10.73 -8.98 4.58
N MET C 42 11.60 -9.99 4.64
CA MET C 42 13.04 -9.71 4.55
C MET C 42 13.47 -8.88 3.37
N ILE C 43 12.96 -9.17 2.16
CA ILE C 43 13.29 -8.44 0.94
C ILE C 43 13.01 -6.92 1.12
N GLU C 44 11.83 -6.59 1.70
CA GLU C 44 11.39 -5.22 1.96
C GLU C 44 12.32 -4.55 2.98
N MET C 45 12.66 -5.28 4.07
N MET C 45 12.70 -5.29 4.02
CA MET C 45 13.53 -4.81 5.16
CA MET C 45 13.56 -4.80 5.09
C MET C 45 14.97 -4.51 4.68
C MET C 45 15.00 -4.53 4.68
N VAL C 46 15.54 -5.35 3.77
CA VAL C 46 16.90 -5.17 3.21
C VAL C 46 16.90 -3.86 2.37
N CYS C 47 15.82 -3.63 1.60
CA CYS C 47 15.64 -2.41 0.80
C CYS C 47 15.52 -1.18 1.69
N ALA C 48 14.72 -1.26 2.75
CA ALA C 48 14.51 -0.22 3.76
C ALA C 48 15.83 0.11 4.49
N ALA C 49 16.62 -0.94 4.83
CA ALA C 49 17.92 -0.81 5.50
C ALA C 49 18.85 0.04 4.65
N ASP C 50 18.79 -0.12 3.30
CA ASP C 50 19.63 0.68 2.41
C ASP C 50 19.27 2.15 2.42
N VAL C 51 17.97 2.47 2.43
CA VAL C 51 17.48 3.85 2.49
C VAL C 51 17.92 4.49 3.81
N ALA C 52 17.75 3.75 4.92
CA ALA C 52 18.13 4.18 6.26
C ALA C 52 19.63 4.40 6.38
N GLU C 53 20.46 3.52 5.78
CA GLU C 53 21.92 3.69 5.82
C GLU C 53 22.38 4.93 5.06
N LYS C 54 21.63 5.34 4.03
CA LYS C 54 21.91 6.52 3.21
C LYS C 54 21.32 7.80 3.83
N ALA C 55 20.46 7.67 4.86
CA ALA C 55 19.83 8.80 5.57
C ALA C 55 20.76 9.40 6.62
N VAL C 56 20.81 10.74 6.66
CA VAL C 56 21.60 11.55 7.60
C VAL C 56 21.04 11.43 9.04
N GLY C 57 21.96 11.42 10.00
CA GLY C 57 21.65 11.44 11.43
C GLY C 57 21.12 10.18 12.07
N VAL C 58 21.09 9.07 11.31
CA VAL C 58 20.57 7.79 11.83
C VAL C 58 21.57 6.66 11.77
N THR C 59 21.46 5.74 12.73
CA THR C 59 22.17 4.48 12.86
C THR C 59 21.12 3.37 12.63
N VAL C 60 21.50 2.37 11.87
CA VAL C 60 20.62 1.28 11.48
C VAL C 60 21.04 -0.02 12.18
N GLU C 61 20.06 -0.76 12.70
CA GLU C 61 20.28 -2.07 13.32
C GLU C 61 19.26 -3.08 12.80
N ASP C 62 19.75 -4.23 12.37
CA ASP C 62 18.92 -5.33 11.92
C ASP C 62 18.72 -6.19 13.16
N ILE C 63 17.47 -6.33 13.58
CA ILE C 63 17.13 -7.09 14.79
C ILE C 63 16.93 -8.55 14.38
N ARG C 64 17.85 -9.42 14.84
CA ARG C 64 17.85 -10.86 14.52
C ARG C 64 17.47 -11.70 15.73
N MET C 71 16.70 -12.10 10.51
CA MET C 71 16.20 -10.73 10.66
C MET C 71 14.68 -10.66 10.82
N ILE C 72 14.25 -10.12 11.96
CA ILE C 72 12.83 -9.94 12.30
C ILE C 72 12.34 -8.50 12.07
N LEU C 73 13.19 -7.53 12.43
CA LEU C 73 12.83 -6.13 12.49
C LEU C 73 14.04 -5.25 12.14
N LEU C 74 13.75 -4.02 11.72
CA LEU C 74 14.75 -3.02 11.42
C LEU C 74 14.56 -1.85 12.39
N ALA C 75 15.61 -1.50 13.12
CA ALA C 75 15.58 -0.39 14.09
C ALA C 75 16.50 0.74 13.58
N ILE C 76 15.99 1.99 13.60
CA ILE C 76 16.68 3.20 13.17
C ILE C 76 16.81 4.11 14.41
N PHE C 77 18.04 4.46 14.78
CA PHE C 77 18.34 5.28 15.96
C PHE C 77 18.88 6.64 15.59
N GLY C 78 18.49 7.65 16.36
CA GLY C 78 18.95 9.01 16.18
C GLY C 78 18.03 9.98 16.86
N ASP C 79 18.16 11.26 16.53
CA ASP C 79 17.28 12.31 17.03
C ASP C 79 15.95 12.13 16.30
N THR C 80 14.84 12.58 16.90
CA THR C 80 13.49 12.48 16.35
C THR C 80 13.38 12.94 14.90
N ALA C 81 13.89 14.15 14.59
CA ALA C 81 13.83 14.75 13.27
C ALA C 81 14.45 13.86 12.19
N SER C 82 15.66 13.32 12.46
CA SER C 82 16.40 12.44 11.54
C SER C 82 15.69 11.11 11.36
N VAL C 83 15.18 10.55 12.48
CA VAL C 83 14.46 9.26 12.47
C VAL C 83 13.16 9.42 11.65
N GLU C 84 12.37 10.49 11.91
CA GLU C 84 11.13 10.77 11.18
C GLU C 84 11.39 10.96 9.68
N ALA C 85 12.47 11.67 9.31
CA ALA C 85 12.85 11.87 7.92
C ALA C 85 13.21 10.55 7.25
N ALA C 86 14.04 9.71 7.93
CA ALA C 86 14.42 8.41 7.40
C ALA C 86 13.20 7.51 7.19
N MET C 87 12.23 7.50 8.15
CA MET C 87 11.00 6.72 8.09
C MET C 87 10.19 7.17 6.87
N ASP C 88 10.09 8.50 6.66
CA ASP C 88 9.38 9.13 5.55
C ASP C 88 9.94 8.65 4.22
N GLU C 89 11.29 8.67 4.09
CA GLU C 89 12.01 8.24 2.88
C GLU C 89 11.75 6.77 2.57
N ILE C 90 11.79 5.89 3.60
CA ILE C 90 11.58 4.44 3.48
C ILE C 90 10.17 4.17 2.94
N ARG C 91 9.17 4.82 3.54
CA ARG C 91 7.76 4.71 3.20
C ARG C 91 7.49 5.20 1.78
N LYS C 92 8.10 6.33 1.39
CA LYS C 92 7.98 6.93 0.05
C LYS C 92 8.55 5.96 -1.01
N LYS C 93 9.75 5.40 -0.75
CA LYS C 93 10.39 4.47 -1.66
C LYS C 93 9.63 3.14 -1.80
N GLU C 94 8.92 2.69 -0.75
CA GLU C 94 8.10 1.46 -0.85
C GLU C 94 6.80 1.65 -1.66
N THR C 95 6.41 2.92 -1.92
CA THR C 95 5.26 3.31 -2.74
C THR C 95 5.63 3.37 -4.25
N GLY C 100 5.63 5.07 -15.22
CA GLY C 100 4.91 4.14 -16.07
C GLY C 100 4.36 2.93 -15.35
N TRP C 101 3.95 3.13 -14.06
CA TRP C 101 3.42 2.13 -13.13
C TRP C 101 2.21 1.31 -13.64
N LEU C 102 1.43 1.86 -14.59
CA LEU C 102 0.28 1.15 -15.17
C LEU C 102 0.72 0.18 -16.27
N MET D 1 6.75 -14.76 -6.84
CA MET D 1 7.99 -14.36 -6.20
C MET D 1 8.07 -12.83 -6.14
N GLU D 2 8.84 -12.28 -5.16
CA GLU D 2 9.07 -10.85 -5.02
C GLU D 2 10.42 -10.52 -5.60
N TYR D 3 10.49 -9.41 -6.34
CA TYR D 3 11.74 -8.96 -7.00
C TYR D 3 12.04 -7.55 -6.61
N ARG D 4 13.28 -7.28 -6.22
CA ARG D 4 13.73 -5.91 -5.90
C ARG D 4 15.15 -5.73 -6.34
N ILE D 5 15.52 -4.48 -6.64
CA ILE D 5 16.88 -4.15 -6.96
C ILE D 5 17.33 -3.00 -6.03
N ILE D 6 18.56 -3.07 -5.52
CA ILE D 6 19.17 -2.04 -4.71
C ILE D 6 20.35 -1.51 -5.53
N LYS D 7 20.28 -0.24 -5.93
CA LYS D 7 21.37 0.43 -6.68
C LYS D 7 22.31 1.14 -5.75
N SER D 8 23.61 0.95 -5.95
CA SER D 8 24.71 1.51 -5.15
C SER D 8 24.51 1.17 -3.66
N PRO D 9 24.50 -0.14 -3.30
CA PRO D 9 24.28 -0.50 -1.89
C PRO D 9 25.41 -0.04 -0.98
N THR D 10 25.08 0.28 0.27
CA THR D 10 26.08 0.71 1.25
C THR D 10 26.74 -0.56 1.79
N GLN D 11 27.84 -0.41 2.54
CA GLN D 11 28.52 -1.56 3.17
C GLN D 11 27.63 -2.19 4.22
N GLY D 12 26.88 -1.36 4.94
CA GLY D 12 25.92 -1.79 5.96
C GLY D 12 24.86 -2.70 5.38
N THR D 13 24.34 -2.38 4.17
CA THR D 13 23.33 -3.17 3.45
C THR D 13 23.95 -4.51 3.09
N ILE D 14 25.17 -4.50 2.53
CA ILE D 14 25.90 -5.72 2.21
C ILE D 14 26.14 -6.56 3.46
N ASP D 15 26.50 -5.92 4.61
CA ASP D 15 26.72 -6.59 5.90
C ASP D 15 25.46 -7.30 6.39
N ILE D 16 24.26 -6.66 6.26
CA ILE D 16 22.96 -7.25 6.63
C ILE D 16 22.74 -8.53 5.82
N LEU D 17 23.02 -8.47 4.51
CA LEU D 17 22.87 -9.60 3.61
C LEU D 17 23.86 -10.71 3.86
N CYS D 18 25.15 -10.38 3.99
CA CYS D 18 26.19 -11.37 4.19
C CYS D 18 26.48 -11.73 5.65
N ARG D 19 25.42 -11.63 6.49
CA ARG D 19 25.40 -11.93 7.91
C ARG D 19 24.85 -13.33 8.09
N ALA D 32 30.02 -4.33 -5.64
CA ALA D 32 28.80 -4.48 -6.44
C ALA D 32 28.09 -3.13 -6.54
N ASP D 33 27.89 -2.66 -7.78
CA ASP D 33 27.16 -1.43 -8.03
C ASP D 33 25.66 -1.65 -7.83
N ALA D 34 25.21 -2.92 -7.91
CA ALA D 34 23.80 -3.28 -7.77
C ALA D 34 23.62 -4.67 -7.14
N ILE D 35 22.54 -4.82 -6.38
CA ILE D 35 22.11 -6.09 -5.78
C ILE D 35 20.67 -6.32 -6.21
N GLY D 36 20.44 -7.43 -6.88
CA GLY D 36 19.12 -7.89 -7.24
C GLY D 36 18.68 -8.85 -6.16
N LEU D 37 17.46 -8.71 -5.69
CA LEU D 37 16.93 -9.56 -4.63
C LEU D 37 15.66 -10.29 -5.08
N ILE D 38 15.59 -11.61 -4.81
CA ILE D 38 14.42 -12.41 -5.16
C ILE D 38 14.06 -13.26 -3.96
N GLN D 39 12.80 -13.16 -3.56
CA GLN D 39 12.26 -13.91 -2.45
C GLN D 39 11.08 -14.74 -2.94
N GLY D 40 11.04 -15.98 -2.52
CA GLY D 40 9.98 -16.92 -2.84
C GLY D 40 10.13 -18.20 -2.06
N ARG D 41 9.41 -19.24 -2.50
CA ARG D 41 9.49 -20.56 -1.92
C ARG D 41 10.84 -21.16 -2.33
N MET D 42 11.40 -22.04 -1.50
CA MET D 42 12.71 -22.61 -1.80
C MET D 42 12.89 -23.20 -3.18
N ILE D 43 11.92 -24.00 -3.64
CA ILE D 43 11.93 -24.64 -4.96
C ILE D 43 12.09 -23.58 -6.08
N GLU D 44 11.32 -22.48 -5.98
CA GLU D 44 11.36 -21.35 -6.92
C GLU D 44 12.74 -20.65 -6.89
N MET D 45 13.30 -20.44 -5.67
N MET D 45 13.31 -20.49 -5.68
CA MET D 45 14.60 -19.78 -5.46
CA MET D 45 14.60 -19.85 -5.45
C MET D 45 15.76 -20.60 -6.01
C MET D 45 15.78 -20.61 -5.95
N VAL D 46 15.73 -21.95 -5.87
CA VAL D 46 16.78 -22.85 -6.37
C VAL D 46 16.78 -22.78 -7.91
N CYS D 47 15.58 -22.72 -8.53
CA CYS D 47 15.42 -22.59 -9.99
C CYS D 47 15.98 -21.26 -10.47
N ALA D 48 15.62 -20.15 -9.78
CA ALA D 48 16.08 -18.78 -10.03
C ALA D 48 17.63 -18.71 -9.89
N ALA D 49 18.20 -19.35 -8.84
CA ALA D 49 19.64 -19.42 -8.57
C ALA D 49 20.37 -20.02 -9.78
N ASP D 50 19.78 -21.03 -10.44
CA ASP D 50 20.39 -21.62 -11.62
C ASP D 50 20.46 -20.67 -12.81
N VAL D 51 19.38 -19.90 -13.05
CA VAL D 51 19.31 -18.89 -14.12
C VAL D 51 20.37 -17.81 -13.84
N ALA D 52 20.43 -17.34 -12.58
CA ALA D 52 21.38 -16.32 -12.13
C ALA D 52 22.83 -16.80 -12.26
N GLU D 53 23.11 -18.10 -11.94
CA GLU D 53 24.49 -18.65 -12.09
C GLU D 53 24.91 -18.70 -13.56
N LYS D 54 23.96 -18.88 -14.47
CA LYS D 54 24.18 -18.96 -15.92
C LYS D 54 24.22 -17.57 -16.58
N ALA D 55 23.81 -16.51 -15.84
CA ALA D 55 23.84 -15.12 -16.29
C ALA D 55 25.24 -14.49 -16.16
N VAL D 56 25.65 -13.77 -17.21
CA VAL D 56 26.92 -13.04 -17.31
C VAL D 56 26.97 -11.87 -16.31
N GLY D 57 28.15 -11.61 -15.77
CA GLY D 57 28.46 -10.47 -14.92
C GLY D 57 27.86 -10.42 -13.53
N VAL D 58 27.21 -11.51 -13.07
CA VAL D 58 26.62 -11.57 -11.74
C VAL D 58 27.22 -12.68 -10.87
N THR D 59 27.25 -12.42 -9.56
CA THR D 59 27.60 -13.32 -8.46
C THR D 59 26.29 -13.60 -7.72
N VAL D 60 26.07 -14.85 -7.37
CA VAL D 60 24.85 -15.34 -6.73
C VAL D 60 25.12 -15.73 -5.29
N GLU D 61 24.27 -15.32 -4.35
CA GLU D 61 24.34 -15.67 -2.93
C GLU D 61 22.98 -16.11 -2.42
N ASP D 62 22.97 -17.25 -1.73
CA ASP D 62 21.77 -17.77 -1.08
C ASP D 62 21.81 -17.22 0.35
N ILE D 63 20.84 -16.41 0.71
CA ILE D 63 20.79 -15.79 2.03
C ILE D 63 20.06 -16.75 2.96
N ARG D 64 20.80 -17.30 3.95
CA ARG D 64 20.30 -18.29 4.91
C ARG D 64 20.20 -17.70 6.30
N ASN D 70 18.36 -22.65 6.60
CA ASN D 70 17.22 -22.45 5.70
C ASN D 70 17.36 -21.18 4.81
N MET D 71 17.33 -21.36 3.47
CA MET D 71 17.41 -20.30 2.46
C MET D 71 16.15 -19.40 2.48
N ILE D 72 16.36 -18.11 2.78
CA ILE D 72 15.29 -17.10 2.88
C ILE D 72 15.16 -16.26 1.61
N LEU D 73 16.29 -15.88 1.02
CA LEU D 73 16.38 -14.91 -0.06
C LEU D 73 17.52 -15.27 -0.99
N LEU D 74 17.40 -14.86 -2.25
CA LEU D 74 18.45 -14.99 -3.24
C LEU D 74 18.95 -13.58 -3.60
N ALA D 75 20.26 -13.35 -3.43
CA ALA D 75 20.91 -12.06 -3.74
C ALA D 75 21.83 -12.24 -4.96
N ILE D 76 21.69 -11.34 -5.94
CA ILE D 76 22.44 -11.30 -7.21
C ILE D 76 23.29 -10.02 -7.18
N PHE D 77 24.61 -10.12 -7.29
CA PHE D 77 25.51 -8.94 -7.25
C PHE D 77 26.22 -8.70 -8.58
N GLY D 78 26.40 -7.45 -8.93
CA GLY D 78 27.12 -7.07 -10.13
C GLY D 78 26.82 -5.64 -10.56
N ASP D 79 27.21 -5.32 -11.81
CA ASP D 79 26.91 -4.02 -12.39
C ASP D 79 25.40 -4.02 -12.66
N THR D 80 24.79 -2.83 -12.68
CA THR D 80 23.35 -2.64 -12.89
C THR D 80 22.81 -3.39 -14.11
N ALA D 81 23.48 -3.21 -15.26
CA ALA D 81 23.08 -3.81 -16.54
C ALA D 81 22.97 -5.33 -16.47
N SER D 82 23.98 -6.01 -15.86
CA SER D 82 24.04 -7.46 -15.68
C SER D 82 23.00 -7.93 -14.71
N VAL D 83 22.82 -7.19 -13.58
CA VAL D 83 21.82 -7.53 -12.55
C VAL D 83 20.40 -7.43 -13.15
N GLU D 84 20.10 -6.31 -13.84
CA GLU D 84 18.81 -6.12 -14.52
C GLU D 84 18.51 -7.21 -15.54
N ALA D 85 19.50 -7.57 -16.36
CA ALA D 85 19.39 -8.63 -17.36
C ALA D 85 19.11 -10.01 -16.72
N ALA D 86 19.82 -10.33 -15.60
CA ALA D 86 19.64 -11.59 -14.87
C ALA D 86 18.23 -11.65 -14.25
N MET D 87 17.75 -10.54 -13.64
CA MET D 87 16.41 -10.40 -13.03
C MET D 87 15.34 -10.66 -14.08
N ASP D 88 15.46 -10.03 -15.28
CA ASP D 88 14.56 -10.18 -16.41
C ASP D 88 14.47 -11.65 -16.84
N GLU D 89 15.63 -12.32 -16.95
CA GLU D 89 15.69 -13.72 -17.34
C GLU D 89 14.97 -14.62 -16.34
N ILE D 90 15.20 -14.38 -15.02
CA ILE D 90 14.59 -15.14 -13.94
C ILE D 90 13.06 -15.03 -14.02
N ARG D 91 12.56 -13.79 -14.15
CA ARG D 91 11.14 -13.46 -14.22
C ARG D 91 10.50 -14.08 -15.48
N LYS D 92 11.18 -14.02 -16.63
CA LYS D 92 10.71 -14.61 -17.89
C LYS D 92 10.58 -16.14 -17.75
N LYS D 93 11.58 -16.81 -17.18
CA LYS D 93 11.60 -18.26 -16.98
C LYS D 93 10.52 -18.69 -16.00
N GLU D 94 10.22 -17.85 -15.01
CA GLU D 94 9.20 -18.14 -14.01
C GLU D 94 7.80 -17.98 -14.60
N THR D 95 7.56 -16.90 -15.39
CA THR D 95 6.27 -16.64 -16.05
C THR D 95 6.10 -17.47 -17.33
N GLU D 96 6.87 -18.61 -17.42
CA GLU D 96 6.97 -19.62 -18.47
C GLU D 96 6.38 -19.25 -19.85
N GLY D 100 2.76 -25.73 -24.88
CA GLY D 100 1.56 -26.52 -24.68
C GLY D 100 0.95 -26.40 -23.29
N TRP D 101 1.09 -25.19 -22.68
CA TRP D 101 0.62 -24.78 -21.34
C TRP D 101 -0.86 -25.01 -21.05
N LEU D 102 -1.70 -24.83 -22.08
CA LEU D 102 -3.15 -24.93 -22.01
C LEU D 102 -3.65 -26.37 -21.80
N GLU D 103 -2.83 -27.36 -22.22
CA GLU D 103 -3.10 -28.81 -22.08
C GLU D 103 -3.01 -29.23 -20.59
N HIS D 104 -2.28 -28.43 -19.77
CA HIS D 104 -2.03 -28.63 -18.34
C HIS D 104 -2.67 -27.52 -17.49
#